data_8PPI
#
_entry.id   8PPI
#
_cell.length_a   73.953
_cell.length_b   98.124
_cell.length_c   193.163
_cell.angle_alpha   90.00
_cell.angle_beta   90.00
_cell.angle_gamma   90.00
#
_symmetry.space_group_name_H-M   'C 2 2 21'
#
loop_
_entity.id
_entity.type
_entity.pdbx_description
1 polymer 'Inositol-trisphosphate 3-kinase A'
2 non-polymer "beta-D-glucopyranosylmethanol 3,4,1'-trisphosphate"
3 non-polymer "ADENOSINE-5'-TRIPHOSPHATE"
4 non-polymer 'SULFATE ION'
5 non-polymer 'MANGANESE (II) ION'
6 water water
#
_entity_poly.entity_id   1
_entity_poly.type   'polypeptide(L)'
_entity_poly.pdbx_seq_one_letter_code
;GSHMSWVQLAGHTGSFKAAGTSGLILKRCSEPERYCLARLMADALRGCVPAFHGVVERDGESYLQLQDLLDGFDGPCVLD
CKMGVRTYLEEELTKARERPKLRKDMYKKMLAVDPEAPTEEEHAQRAVTKPRYMQWREGISSSTTLGFRIEGIKKADGSC
STDFKTTRSREQVLRVFEEFVQGDEEVLRRYLNRLQQIRDTLEVSEFFRRHEVIGSSLLFVHDHCHRAGVWLIDFGKTTP
LPDGQILDHRRPWEEGNREDGYLLGLDNLIGILASLAER
;
_entity_poly.pdbx_strand_id   A,B
#
loop_
_chem_comp.id
_chem_comp.type
_chem_comp.name
_chem_comp.formula
69I non-polymer 'beta-D-glucopyranosylmethanol 3,4,1'-trisphosphate' 'C7 H17 O15 P3'
ATP non-polymer ADENOSINE-5'-TRIPHOSPHATE 'C10 H16 N5 O13 P3'
MN non-polymer 'MANGANESE (II) ION' 'Mn 2'
SO4 non-polymer 'SULFATE ION' 'O4 S -2'
#
# COMPACT_ATOMS: atom_id res chain seq x y z
N GLY A 1 -4.87 -17.34 3.16
CA GLY A 1 -6.23 -17.90 3.41
C GLY A 1 -7.20 -17.52 2.31
N SER A 2 -7.39 -16.21 2.07
CA SER A 2 -8.25 -15.68 0.99
C SER A 2 -7.80 -14.26 0.64
N HIS A 3 -8.02 -13.82 -0.61
CA HIS A 3 -7.63 -12.47 -1.10
C HIS A 3 -8.59 -11.42 -0.52
N MET A 4 -9.90 -11.71 -0.52
CA MET A 4 -10.96 -10.79 -0.04
C MET A 4 -10.77 -10.47 1.45
N SER A 5 -10.26 -11.43 2.23
CA SER A 5 -9.79 -11.22 3.62
C SER A 5 -8.78 -10.07 3.65
N TRP A 6 -7.76 -10.12 2.80
CA TRP A 6 -6.71 -9.07 2.68
C TRP A 6 -7.35 -7.75 2.24
N VAL A 7 -8.22 -7.79 1.22
CA VAL A 7 -8.96 -6.61 0.69
C VAL A 7 -9.61 -5.88 1.88
N GLN A 8 -10.36 -6.62 2.71
CA GLN A 8 -11.12 -6.08 3.87
C GLN A 8 -10.18 -5.45 4.90
N LEU A 9 -9.03 -6.10 5.16
CA LEU A 9 -7.97 -5.60 6.07
C LEU A 9 -7.06 -4.65 5.30
N GLY A 14 -10.63 -3.57 -6.60
CA GLY A 14 -11.33 -2.91 -7.71
C GLY A 14 -12.21 -3.87 -8.50
N SER A 15 -11.58 -4.84 -9.18
CA SER A 15 -12.26 -5.78 -10.11
C SER A 15 -12.64 -7.08 -9.38
N PHE A 16 -12.35 -7.21 -8.08
CA PHE A 16 -12.54 -8.47 -7.32
C PHE A 16 -13.70 -8.35 -6.30
N LYS A 17 -14.41 -9.46 -6.11
CA LYS A 17 -15.60 -9.61 -5.24
C LYS A 17 -15.58 -11.00 -4.62
N ALA A 18 -16.10 -11.16 -3.40
CA ALA A 18 -16.15 -12.44 -2.66
C ALA A 18 -17.16 -13.38 -3.34
N ALA A 19 -16.82 -14.67 -3.42
CA ALA A 19 -17.68 -15.75 -3.97
C ALA A 19 -18.44 -16.42 -2.82
N GLY A 20 -19.58 -17.04 -3.12
CA GLY A 20 -20.37 -17.80 -2.12
C GLY A 20 -19.66 -19.10 -1.74
N THR A 21 -19.02 -19.73 -2.72
CA THR A 21 -18.32 -21.04 -2.61
C THR A 21 -16.95 -20.82 -1.95
N SER A 22 -16.60 -21.69 -0.99
CA SER A 22 -15.30 -21.65 -0.29
C SER A 22 -14.18 -21.93 -1.30
N GLY A 23 -13.06 -21.22 -1.18
CA GLY A 23 -11.86 -21.43 -2.02
C GLY A 23 -11.96 -20.78 -3.38
N LEU A 24 -13.03 -20.00 -3.66
CA LEU A 24 -13.21 -19.25 -4.94
C LEU A 24 -13.17 -17.73 -4.68
N ILE A 25 -12.99 -16.96 -5.75
CA ILE A 25 -13.02 -15.47 -5.80
C ILE A 25 -13.64 -15.06 -7.15
N LEU A 26 -14.28 -13.89 -7.20
CA LEU A 26 -14.92 -13.38 -8.44
C LEU A 26 -14.07 -12.23 -9.00
N LYS A 27 -13.83 -12.22 -10.31
CA LYS A 27 -13.15 -11.12 -11.03
C LYS A 27 -14.09 -10.62 -12.14
N ARG A 28 -14.27 -9.30 -12.23
CA ARG A 28 -15.07 -8.65 -13.31
C ARG A 28 -14.71 -9.27 -14.66
N CYS A 29 -15.70 -9.78 -15.38
CA CYS A 29 -15.54 -10.48 -16.69
C CYS A 29 -15.18 -9.48 -17.79
N SER A 30 -14.15 -9.79 -18.58
CA SER A 30 -13.69 -9.06 -19.79
C SER A 30 -13.56 -10.12 -20.89
N GLU A 31 -13.87 -9.79 -22.14
CA GLU A 31 -14.07 -10.87 -23.16
C GLU A 31 -12.75 -11.51 -23.52
N PRO A 32 -11.63 -10.75 -23.69
CA PRO A 32 -10.33 -11.35 -23.95
C PRO A 32 -9.94 -12.34 -22.84
N GLU A 33 -10.07 -11.93 -21.58
CA GLU A 33 -9.67 -12.78 -20.43
C GLU A 33 -10.53 -14.05 -20.36
N ARG A 34 -11.84 -13.95 -20.57
CA ARG A 34 -12.73 -15.14 -20.56
C ARG A 34 -12.31 -16.14 -21.63
N TYR A 35 -12.06 -15.65 -22.85
CA TYR A 35 -11.60 -16.45 -24.02
C TYR A 35 -10.33 -17.20 -23.62
N CYS A 36 -9.37 -16.49 -23.03
CA CYS A 36 -8.04 -17.06 -22.66
C CYS A 36 -8.20 -18.15 -21.59
N LEU A 37 -8.92 -17.86 -20.50
CA LEU A 37 -9.03 -18.84 -19.38
C LEU A 37 -9.75 -20.11 -19.87
N ALA A 38 -10.73 -19.99 -20.77
CA ALA A 38 -11.42 -21.18 -21.33
C ALA A 38 -10.41 -22.05 -22.09
N ARG A 39 -9.58 -21.46 -22.96
CA ARG A 39 -8.55 -22.18 -23.76
C ARG A 39 -7.53 -22.80 -22.78
N LEU A 40 -7.12 -22.06 -21.74
CA LEU A 40 -6.02 -22.51 -20.84
C LEU A 40 -6.41 -23.77 -20.06
N MET A 41 -7.70 -23.97 -19.74
CA MET A 41 -8.17 -25.17 -18.98
C MET A 41 -7.92 -26.45 -19.80
N ALA A 42 -7.76 -26.33 -21.12
CA ALA A 42 -7.53 -27.47 -22.05
C ALA A 42 -6.08 -27.53 -22.55
N ASP A 43 -5.22 -26.65 -22.06
CA ASP A 43 -3.83 -26.45 -22.57
C ASP A 43 -2.84 -27.11 -21.62
N ALA A 44 -1.58 -27.27 -22.06
CA ALA A 44 -0.43 -27.69 -21.21
C ALA A 44 -0.35 -26.80 -19.96
N LEU A 45 -0.74 -25.52 -20.09
CA LEU A 45 -0.63 -24.53 -18.97
C LEU A 45 -1.76 -24.65 -17.95
N ARG A 46 -2.68 -25.60 -18.07
CA ARG A 46 -3.83 -25.78 -17.13
C ARG A 46 -3.41 -25.60 -15.65
N GLY A 47 -2.35 -26.27 -15.20
CA GLY A 47 -1.96 -26.25 -13.78
C GLY A 47 -1.12 -25.04 -13.39
N CYS A 48 -0.75 -24.18 -14.33
CA CYS A 48 0.12 -22.98 -14.11
C CYS A 48 -0.74 -21.71 -13.96
N VAL A 49 -2.07 -21.84 -14.04
CA VAL A 49 -3.03 -20.69 -13.97
C VAL A 49 -4.11 -21.05 -12.94
N PRO A 50 -4.85 -20.05 -12.37
CA PRO A 50 -5.96 -20.36 -11.48
C PRO A 50 -7.06 -21.15 -12.22
N ALA A 51 -7.66 -22.13 -11.54
CA ALA A 51 -8.83 -22.89 -12.06
C ALA A 51 -9.91 -21.86 -12.44
N PHE A 52 -10.52 -22.06 -13.61
CA PHE A 52 -11.63 -21.22 -14.14
C PHE A 52 -12.89 -22.10 -14.17
N HIS A 53 -13.95 -21.69 -13.48
CA HIS A 53 -15.18 -22.50 -13.26
C HIS A 53 -16.37 -22.01 -14.10
N GLY A 54 -16.19 -20.95 -14.89
CA GLY A 54 -17.27 -20.34 -15.69
C GLY A 54 -17.61 -18.94 -15.21
N VAL A 55 -18.74 -18.41 -15.68
CA VAL A 55 -19.18 -17.01 -15.43
C VAL A 55 -20.42 -17.05 -14.52
N VAL A 56 -20.54 -16.11 -13.59
CA VAL A 56 -21.78 -15.96 -12.75
C VAL A 56 -22.26 -14.51 -12.85
N GLU A 57 -23.57 -14.31 -12.66
CA GLU A 57 -24.25 -12.99 -12.61
C GLU A 57 -24.39 -12.56 -11.14
N ARG A 58 -23.92 -11.35 -10.80
CA ARG A 58 -24.03 -10.77 -9.44
C ARG A 58 -24.36 -9.28 -9.57
N ASP A 59 -25.57 -8.89 -9.14
CA ASP A 59 -26.08 -7.49 -9.18
C ASP A 59 -26.02 -6.98 -10.62
N GLY A 60 -26.57 -7.77 -11.56
CA GLY A 60 -26.64 -7.45 -12.99
C GLY A 60 -25.28 -7.20 -13.62
N GLU A 61 -24.24 -7.90 -13.17
CA GLU A 61 -22.87 -7.81 -13.77
C GLU A 61 -22.24 -9.20 -13.82
N SER A 62 -21.39 -9.43 -14.84
CA SER A 62 -20.74 -10.74 -15.14
C SER A 62 -19.40 -10.84 -14.40
N TYR A 63 -19.16 -11.98 -13.74
CA TYR A 63 -17.89 -12.27 -13.03
C TYR A 63 -17.33 -13.63 -13.46
N LEU A 64 -16.01 -13.67 -13.66
CA LEU A 64 -15.24 -14.93 -13.75
C LEU A 64 -15.17 -15.55 -12.35
N GLN A 65 -15.51 -16.83 -12.22
CA GLN A 65 -15.42 -17.63 -10.97
C GLN A 65 -14.06 -18.35 -10.99
N LEU A 66 -13.13 -17.88 -10.15
CA LEU A 66 -11.71 -18.34 -10.15
C LEU A 66 -11.37 -19.03 -8.82
N GLN A 67 -10.44 -19.98 -8.90
CA GLN A 67 -9.69 -20.45 -7.70
C GLN A 67 -9.11 -19.22 -6.99
N ASP A 68 -9.31 -19.13 -5.67
CA ASP A 68 -8.57 -18.21 -4.79
C ASP A 68 -7.21 -18.83 -4.51
N LEU A 69 -6.15 -18.25 -5.08
CA LEU A 69 -4.77 -18.80 -5.01
C LEU A 69 -4.23 -18.74 -3.56
N LEU A 70 -4.81 -17.90 -2.68
CA LEU A 70 -4.33 -17.75 -1.28
C LEU A 70 -4.97 -18.82 -0.36
N ASP A 71 -5.98 -19.56 -0.83
CA ASP A 71 -6.81 -20.47 0.00
C ASP A 71 -5.98 -21.49 0.80
N GLY A 72 -4.97 -22.10 0.20
CA GLY A 72 -4.18 -23.18 0.83
C GLY A 72 -3.12 -22.69 1.81
N PHE A 73 -2.94 -21.38 1.97
CA PHE A 73 -1.80 -20.79 2.73
C PHE A 73 -2.27 -20.30 4.11
N ASP A 74 -1.37 -20.34 5.09
CA ASP A 74 -1.60 -19.83 6.47
C ASP A 74 -0.87 -18.48 6.62
N GLY A 75 -1.58 -17.36 6.45
CA GLY A 75 -1.01 -16.01 6.49
C GLY A 75 -0.06 -15.76 5.33
N PRO A 76 -0.57 -15.84 4.07
CA PRO A 76 0.27 -15.69 2.89
C PRO A 76 0.97 -14.33 2.70
N CYS A 77 2.23 -14.40 2.24
CA CYS A 77 3.06 -13.31 1.68
C CYS A 77 2.89 -13.37 0.16
N VAL A 78 2.70 -12.24 -0.53
CA VAL A 78 2.35 -12.19 -1.98
C VAL A 78 3.28 -11.20 -2.70
N LEU A 79 3.85 -11.60 -3.84
CA LEU A 79 4.63 -10.67 -4.71
C LEU A 79 4.10 -10.79 -6.14
N ASP A 80 3.75 -9.65 -6.75
CA ASP A 80 3.22 -9.58 -8.14
C ASP A 80 4.33 -9.07 -9.07
N CYS A 81 4.67 -9.86 -10.09
CA CYS A 81 5.75 -9.59 -11.07
C CYS A 81 5.13 -9.44 -12.46
N LYS A 82 5.09 -8.23 -13.04
CA LYS A 82 4.55 -8.01 -14.42
C LYS A 82 5.56 -8.48 -15.47
N MET A 83 5.16 -9.38 -16.37
CA MET A 83 6.09 -10.05 -17.31
C MET A 83 6.01 -9.37 -18.68
N GLY A 84 7.17 -9.18 -19.29
CA GLY A 84 7.31 -8.71 -20.68
C GLY A 84 8.15 -7.46 -20.79
N VAL A 85 8.73 -7.24 -21.97
CA VAL A 85 9.49 -5.98 -22.26
C VAL A 85 8.51 -4.88 -22.64
N ARG A 86 7.29 -5.22 -23.07
CA ARG A 86 6.25 -4.25 -23.53
C ARG A 86 4.96 -4.51 -22.74
N THR A 87 4.28 -3.45 -22.30
CA THR A 87 3.16 -3.49 -21.33
C THR A 87 1.86 -2.88 -21.90
N TYR A 88 1.84 -2.61 -23.21
CA TYR A 88 0.68 -2.03 -23.95
C TYR A 88 0.56 -2.71 -25.32
N LEU A 89 -0.65 -2.72 -25.88
CA LEU A 89 -0.97 -3.31 -27.21
C LEU A 89 -0.45 -2.38 -28.32
N GLU A 90 -0.04 -2.94 -29.45
CA GLU A 90 0.46 -2.17 -30.61
C GLU A 90 -0.61 -1.18 -31.11
N GLU A 91 -1.90 -1.50 -30.93
CA GLU A 91 -3.01 -0.63 -31.40
C GLU A 91 -2.94 0.74 -30.68
N GLU A 92 -2.37 0.79 -29.46
CA GLU A 92 -2.22 2.07 -28.70
C GLU A 92 -1.31 3.02 -29.47
N LEU A 93 -0.30 2.51 -30.21
CA LEU A 93 0.66 3.36 -30.97
C LEU A 93 -0.08 4.02 -32.16
N THR A 94 -0.94 3.27 -32.82
CA THR A 94 -1.80 3.75 -33.94
C THR A 94 -2.80 4.80 -33.44
N LYS A 95 -3.43 4.57 -32.29
CA LYS A 95 -4.45 5.51 -31.71
C LYS A 95 -3.78 6.83 -31.33
N ALA A 96 -2.55 6.79 -30.81
CA ALA A 96 -1.82 7.99 -30.36
C ALA A 96 -1.34 8.83 -31.56
N ARG A 97 -1.19 8.21 -32.73
CA ARG A 97 -0.76 8.90 -33.98
C ARG A 97 -1.97 9.56 -34.66
N GLU A 98 -3.10 8.85 -34.72
CA GLU A 98 -4.29 9.23 -35.52
C GLU A 98 -5.24 10.12 -34.71
N ARG A 99 -5.30 9.95 -33.40
CA ARG A 99 -6.37 10.54 -32.54
C ARG A 99 -5.95 10.43 -31.08
N PRO A 100 -4.86 11.11 -30.63
CA PRO A 100 -4.37 10.96 -29.27
C PRO A 100 -5.36 11.45 -28.21
N LYS A 101 -5.47 10.71 -27.11
CA LYS A 101 -6.14 11.14 -25.85
C LYS A 101 -5.05 11.60 -24.88
N LEU A 102 -4.99 12.89 -24.57
CA LEU A 102 -3.97 13.45 -23.64
C LEU A 102 -4.35 13.07 -22.20
N ARG A 103 -3.37 12.58 -21.42
CA ARG A 103 -3.57 12.02 -20.06
C ARG A 103 -2.85 12.91 -19.03
N LYS A 104 -3.62 13.67 -18.22
CA LYS A 104 -3.03 14.65 -17.26
C LYS A 104 -2.48 13.89 -16.05
N ASP A 105 -3.21 12.87 -15.60
CA ASP A 105 -2.81 11.86 -14.57
C ASP A 105 -1.37 11.38 -14.84
N MET A 106 -1.12 10.89 -16.06
CA MET A 106 0.14 10.21 -16.44
C MET A 106 1.28 11.24 -16.46
N TYR A 107 1.01 12.49 -16.87
CA TYR A 107 2.01 13.61 -16.82
C TYR A 107 2.47 13.83 -15.37
N LYS A 108 1.55 13.83 -14.41
CA LYS A 108 1.85 14.12 -12.97
C LYS A 108 2.83 13.08 -12.38
N LYS A 109 2.58 11.79 -12.64
CA LYS A 109 3.41 10.68 -12.11
C LYS A 109 4.81 10.75 -12.73
N MET A 110 4.89 11.13 -14.01
CA MET A 110 6.17 11.37 -14.72
C MET A 110 6.95 12.48 -14.01
N LEU A 111 6.35 13.67 -13.90
CA LEU A 111 6.95 14.87 -13.23
C LEU A 111 7.57 14.45 -11.89
N ALA A 112 6.77 13.74 -11.08
CA ALA A 112 7.09 13.30 -9.70
C ALA A 112 8.42 12.52 -9.67
N VAL A 113 8.61 11.57 -10.59
CA VAL A 113 9.81 10.70 -10.62
C VAL A 113 10.98 11.48 -11.25
N ASP A 114 10.75 12.18 -12.37
CA ASP A 114 11.81 12.91 -13.10
C ASP A 114 11.25 14.19 -13.71
N PRO A 115 11.51 15.37 -13.09
CA PRO A 115 11.00 16.63 -13.64
C PRO A 115 11.49 16.91 -15.06
N GLU A 116 12.63 16.35 -15.46
CA GLU A 116 13.28 16.63 -16.78
C GLU A 116 12.79 15.65 -17.86
N ALA A 117 11.93 14.68 -17.52
CA ALA A 117 11.49 13.60 -18.44
C ALA A 117 10.51 14.16 -19.49
N PRO A 118 9.45 14.90 -19.11
CA PRO A 118 8.52 15.45 -20.10
C PRO A 118 9.19 16.45 -21.06
N THR A 119 8.70 16.50 -22.29
CA THR A 119 9.16 17.45 -23.35
C THR A 119 8.58 18.84 -23.04
N GLU A 120 9.11 19.88 -23.69
CA GLU A 120 8.56 21.27 -23.61
C GLU A 120 7.07 21.26 -23.95
N GLU A 121 6.64 20.49 -24.95
CA GLU A 121 5.22 20.47 -25.40
C GLU A 121 4.38 19.72 -24.35
N GLU A 122 4.89 18.62 -23.79
CA GLU A 122 4.15 17.86 -22.73
C GLU A 122 3.94 18.77 -21.50
N HIS A 123 4.96 19.52 -21.08
CA HIS A 123 4.89 20.51 -19.96
C HIS A 123 3.80 21.56 -20.27
N ALA A 124 3.74 22.07 -21.50
CA ALA A 124 2.73 23.08 -21.93
C ALA A 124 1.32 22.46 -21.89
N GLN A 125 1.17 21.23 -22.39
CA GLN A 125 -0.09 20.41 -22.38
C GLN A 125 -0.46 20.01 -20.93
N ARG A 126 0.53 19.86 -20.04
CA ARG A 126 0.39 19.16 -18.73
C ARG A 126 -0.24 17.77 -18.98
N ALA A 127 0.15 17.09 -20.07
CA ALA A 127 -0.46 15.80 -20.46
C ALA A 127 0.47 15.02 -21.41
N VAL A 128 0.39 13.69 -21.39
CA VAL A 128 1.17 12.77 -22.26
C VAL A 128 0.22 11.72 -22.85
N THR A 129 0.65 11.00 -23.90
CA THR A 129 -0.13 9.87 -24.45
C THR A 129 0.11 8.63 -23.57
N LYS A 130 -0.78 7.66 -23.67
CA LYS A 130 -0.65 6.37 -22.92
C LYS A 130 0.65 5.65 -23.31
N PRO A 131 0.92 5.39 -24.62
CA PRO A 131 2.13 4.66 -24.99
C PRO A 131 3.42 5.35 -24.50
N ARG A 132 3.44 6.68 -24.54
CA ARG A 132 4.61 7.47 -24.09
C ARG A 132 4.83 7.20 -22.59
N TYR A 133 3.78 7.28 -21.79
CA TYR A 133 3.82 7.05 -20.32
C TYR A 133 4.30 5.62 -20.06
N MET A 134 3.69 4.63 -20.72
CA MET A 134 4.01 3.19 -20.46
C MET A 134 5.45 2.88 -20.90
N GLN A 135 5.94 3.42 -22.02
CA GLN A 135 7.35 3.25 -22.47
C GLN A 135 8.31 3.86 -21.42
N TRP A 136 7.99 5.04 -20.91
CA TRP A 136 8.80 5.70 -19.85
C TRP A 136 8.85 4.79 -18.60
N ARG A 137 7.70 4.27 -18.16
CA ARG A 137 7.55 3.35 -16.98
C ARG A 137 8.43 2.11 -17.20
N GLU A 138 8.46 1.58 -18.42
CA GLU A 138 9.27 0.37 -18.76
C GLU A 138 10.76 0.70 -18.56
N GLY A 139 11.20 1.92 -18.87
CA GLY A 139 12.62 2.30 -18.95
C GLY A 139 13.23 2.64 -17.59
N ILE A 140 12.44 3.16 -16.65
CA ILE A 140 12.95 3.53 -15.29
C ILE A 140 12.86 2.31 -14.37
N SER A 141 12.01 1.33 -14.70
CA SER A 141 11.94 0.01 -14.02
C SER A 141 12.83 -0.99 -14.77
N SER A 142 12.78 -2.28 -14.40
CA SER A 142 13.58 -3.35 -15.05
C SER A 142 12.90 -3.87 -16.34
N SER A 143 11.71 -3.38 -16.70
CA SER A 143 10.93 -3.98 -17.83
C SER A 143 11.79 -3.99 -19.11
N THR A 144 12.28 -2.82 -19.55
CA THR A 144 12.98 -2.71 -20.85
C THR A 144 14.20 -3.63 -20.90
N THR A 145 15.03 -3.65 -19.85
CA THR A 145 16.35 -4.31 -19.85
C THR A 145 16.26 -5.80 -19.44
N LEU A 146 15.42 -6.15 -18.46
CA LEU A 146 15.33 -7.54 -17.92
C LEU A 146 14.07 -8.28 -18.39
N GLY A 147 13.05 -7.59 -18.90
CA GLY A 147 11.81 -8.23 -19.43
C GLY A 147 10.79 -8.58 -18.35
N PHE A 148 10.91 -8.01 -17.15
CA PHE A 148 9.89 -8.12 -16.07
C PHE A 148 10.09 -6.95 -15.10
N ARG A 149 9.12 -6.73 -14.21
CA ARG A 149 9.29 -5.79 -13.07
C ARG A 149 8.44 -6.22 -11.89
N ILE A 150 8.91 -5.90 -10.70
CA ILE A 150 8.12 -6.05 -9.45
C ILE A 150 7.09 -4.93 -9.40
N GLU A 151 5.81 -5.27 -9.21
CA GLU A 151 4.69 -4.30 -9.08
C GLU A 151 4.36 -4.04 -7.60
N GLY A 152 4.34 -5.06 -6.76
CA GLY A 152 3.86 -4.88 -5.37
C GLY A 152 4.10 -6.08 -4.49
N ILE A 153 4.16 -5.86 -3.18
CA ILE A 153 4.23 -6.94 -2.17
C ILE A 153 3.12 -6.76 -1.14
N LYS A 154 2.51 -7.86 -0.71
CA LYS A 154 1.53 -7.88 0.42
C LYS A 154 2.12 -8.84 1.44
N LYS A 155 2.46 -8.34 2.64
CA LYS A 155 3.22 -9.09 3.68
C LYS A 155 2.21 -9.72 4.64
N ALA A 156 2.67 -10.73 5.38
CA ALA A 156 1.85 -11.49 6.35
C ALA A 156 1.50 -10.61 7.57
N ASP A 157 2.27 -9.54 7.81
CA ASP A 157 1.99 -8.55 8.88
C ASP A 157 0.90 -7.55 8.46
N GLY A 158 0.30 -7.72 7.28
CA GLY A 158 -0.85 -6.93 6.80
C GLY A 158 -0.39 -5.72 6.01
N SER A 159 0.93 -5.46 6.06
CA SER A 159 1.59 -4.32 5.36
C SER A 159 1.64 -4.65 3.87
N CYS A 160 1.50 -3.62 3.01
CA CYS A 160 1.67 -3.76 1.54
C CYS A 160 2.47 -2.57 1.02
N SER A 161 3.11 -2.75 -0.14
CA SER A 161 3.91 -1.69 -0.80
C SER A 161 3.81 -1.83 -2.32
N THR A 162 3.70 -0.69 -3.02
CA THR A 162 3.82 -0.56 -4.49
C THR A 162 5.01 0.36 -4.83
N ASP A 163 5.96 0.56 -3.91
CA ASP A 163 7.07 1.54 -4.06
C ASP A 163 8.26 0.92 -4.81
N PHE A 164 8.06 0.55 -6.08
CA PHE A 164 9.08 -0.15 -6.92
C PHE A 164 9.25 0.48 -8.32
N LYS A 165 8.80 1.71 -8.54
N LYS A 165 8.78 1.72 -8.55
CA LYS A 165 8.78 2.32 -9.90
CA LYS A 165 8.79 2.34 -9.90
C LYS A 165 10.21 2.52 -10.44
C LYS A 165 10.22 2.45 -10.44
N THR A 166 11.23 2.65 -9.56
CA THR A 166 12.65 2.86 -9.97
C THR A 166 13.52 1.66 -9.56
N THR A 167 12.92 0.49 -9.33
CA THR A 167 13.65 -0.79 -9.14
C THR A 167 14.05 -1.30 -10.54
N ARG A 168 15.33 -1.22 -10.91
CA ARG A 168 15.77 -1.41 -12.33
C ARG A 168 16.94 -2.40 -12.46
N SER A 169 17.98 -2.30 -11.63
CA SER A 169 19.21 -3.11 -11.78
C SER A 169 18.93 -4.54 -11.31
N ARG A 170 19.69 -5.50 -11.85
CA ARG A 170 19.66 -6.92 -11.44
C ARG A 170 19.79 -7.01 -9.92
N GLU A 171 20.74 -6.27 -9.34
CA GLU A 171 21.02 -6.33 -7.88
C GLU A 171 19.88 -5.69 -7.07
N GLN A 172 19.25 -4.61 -7.56
CA GLN A 172 18.05 -4.01 -6.92
C GLN A 172 16.90 -5.05 -6.85
N VAL A 173 16.64 -5.75 -7.94
CA VAL A 173 15.59 -6.81 -8.01
C VAL A 173 15.94 -7.94 -7.02
N LEU A 174 17.19 -8.43 -7.05
CA LEU A 174 17.64 -9.50 -6.12
C LEU A 174 17.36 -9.06 -4.68
N ARG A 175 17.66 -7.81 -4.30
CA ARG A 175 17.44 -7.35 -2.91
C ARG A 175 15.96 -7.35 -2.55
N VAL A 176 15.04 -7.10 -3.49
CA VAL A 176 13.58 -7.15 -3.15
C VAL A 176 13.18 -8.61 -2.86
N PHE A 177 13.64 -9.57 -3.65
CA PHE A 177 13.32 -11.01 -3.42
C PHE A 177 13.99 -11.51 -2.14
N GLU A 178 15.23 -11.07 -1.85
CA GLU A 178 15.96 -11.39 -0.59
C GLU A 178 15.10 -10.98 0.61
N GLU A 179 14.58 -9.76 0.61
CA GLU A 179 13.70 -9.25 1.69
C GLU A 179 12.37 -10.04 1.73
N PHE A 180 11.81 -10.37 0.57
CA PHE A 180 10.50 -11.08 0.46
C PHE A 180 10.59 -12.48 1.09
N VAL A 181 11.66 -13.24 0.86
CA VAL A 181 11.72 -14.66 1.33
C VAL A 181 12.32 -14.74 2.74
N GLN A 182 12.91 -13.65 3.25
CA GLN A 182 13.36 -13.57 4.68
C GLN A 182 14.20 -14.79 5.05
N GLY A 183 15.11 -15.22 4.17
CA GLY A 183 16.12 -16.27 4.42
C GLY A 183 15.54 -17.68 4.50
N ASP A 184 14.29 -17.91 4.06
CA ASP A 184 13.67 -19.26 4.07
C ASP A 184 14.17 -20.06 2.86
N GLU A 185 15.14 -20.96 3.05
CA GLU A 185 15.81 -21.69 1.93
C GLU A 185 14.81 -22.63 1.25
N GLU A 186 13.84 -23.16 2.00
CA GLU A 186 12.83 -24.13 1.47
C GLU A 186 11.87 -23.39 0.52
N VAL A 187 11.41 -22.20 0.91
CA VAL A 187 10.52 -21.38 0.03
C VAL A 187 11.28 -21.05 -1.26
N LEU A 188 12.52 -20.57 -1.20
CA LEU A 188 13.27 -20.19 -2.41
C LEU A 188 13.48 -21.41 -3.32
N ARG A 189 13.82 -22.56 -2.72
CA ARG A 189 14.05 -23.81 -3.51
C ARG A 189 12.75 -24.18 -4.24
N ARG A 190 11.61 -24.14 -3.54
CA ARG A 190 10.28 -24.47 -4.12
C ARG A 190 9.92 -23.45 -5.21
N TYR A 191 10.17 -22.17 -5.01
CA TYR A 191 9.89 -21.16 -6.06
C TYR A 191 10.72 -21.50 -7.31
N LEU A 192 12.00 -21.83 -7.14
CA LEU A 192 12.89 -22.11 -8.31
C LEU A 192 12.42 -23.37 -9.03
N ASN A 193 12.03 -24.41 -8.29
CA ASN A 193 11.53 -25.66 -8.92
C ASN A 193 10.26 -25.35 -9.72
N ARG A 194 9.36 -24.54 -9.16
CA ARG A 194 8.10 -24.19 -9.85
C ARG A 194 8.39 -23.36 -11.11
N LEU A 195 9.28 -22.36 -11.04
CA LEU A 195 9.61 -21.52 -12.23
C LEU A 195 10.23 -22.38 -13.33
N GLN A 196 11.11 -23.33 -12.98
CA GLN A 196 11.74 -24.22 -13.99
C GLN A 196 10.65 -25.05 -14.69
N GLN A 197 9.68 -25.58 -13.94
CA GLN A 197 8.56 -26.38 -14.50
C GLN A 197 7.61 -25.49 -15.34
N ILE A 198 7.37 -24.24 -14.93
CA ILE A 198 6.55 -23.27 -15.73
C ILE A 198 7.26 -22.98 -17.05
N ARG A 199 8.57 -22.74 -17.04
CA ARG A 199 9.32 -22.45 -18.29
C ARG A 199 9.17 -23.64 -19.26
N ASP A 200 9.38 -24.86 -18.77
CA ASP A 200 9.25 -26.08 -19.61
C ASP A 200 7.85 -26.15 -20.22
N THR A 201 6.79 -25.86 -19.44
CA THR A 201 5.38 -25.88 -19.90
C THR A 201 5.16 -24.80 -20.96
N LEU A 202 5.65 -23.59 -20.72
CA LEU A 202 5.48 -22.49 -21.71
C LEU A 202 6.13 -22.87 -23.03
N GLU A 203 7.29 -23.52 -22.98
CA GLU A 203 8.07 -23.83 -24.20
C GLU A 203 7.37 -24.92 -25.02
N VAL A 204 6.41 -25.66 -24.48
CA VAL A 204 5.67 -26.69 -25.29
C VAL A 204 4.19 -26.32 -25.51
N SER A 205 3.67 -25.27 -24.86
CA SER A 205 2.24 -24.90 -24.84
C SER A 205 1.76 -24.49 -26.23
N GLU A 206 0.66 -25.07 -26.71
CA GLU A 206 -0.01 -24.67 -27.98
C GLU A 206 -0.57 -23.25 -27.83
N PHE A 207 -1.17 -22.95 -26.69
CA PHE A 207 -1.69 -21.59 -26.38
C PHE A 207 -0.56 -20.58 -26.49
N PHE A 208 0.57 -20.82 -25.82
CA PHE A 208 1.62 -19.78 -25.66
C PHE A 208 2.27 -19.43 -27.02
N ARG A 209 2.58 -20.41 -27.86
CA ARG A 209 3.25 -20.12 -29.16
C ARG A 209 2.31 -19.30 -30.07
N ARG A 210 0.99 -19.37 -29.87
CA ARG A 210 -0.01 -18.72 -30.77
C ARG A 210 -0.58 -17.40 -30.22
N HIS A 211 -0.15 -16.95 -29.02
CA HIS A 211 -0.74 -15.75 -28.37
C HIS A 211 0.36 -14.74 -27.97
N GLU A 212 0.04 -13.48 -28.14
CA GLU A 212 0.81 -12.31 -27.64
C GLU A 212 0.36 -12.08 -26.19
N VAL A 213 1.26 -12.19 -25.23
CA VAL A 213 0.91 -12.16 -23.78
C VAL A 213 1.40 -10.83 -23.20
N ILE A 214 0.53 -9.83 -23.12
CA ILE A 214 0.88 -8.45 -22.64
C ILE A 214 0.16 -8.16 -21.31
N GLY A 215 0.89 -7.67 -20.32
CA GLY A 215 0.30 -7.15 -19.07
C GLY A 215 -0.08 -8.23 -18.08
N SER A 216 0.33 -9.49 -18.32
CA SER A 216 0.12 -10.61 -17.39
C SER A 216 1.19 -10.56 -16.28
N SER A 217 0.94 -11.21 -15.15
CA SER A 217 1.88 -11.29 -14.02
C SER A 217 2.17 -12.74 -13.64
N LEU A 218 3.30 -12.94 -12.96
CA LEU A 218 3.54 -14.16 -12.15
C LEU A 218 3.25 -13.75 -10.70
N LEU A 219 2.37 -14.50 -10.04
CA LEU A 219 1.99 -14.26 -8.63
C LEU A 219 2.73 -15.27 -7.75
N PHE A 220 3.65 -14.79 -6.89
CA PHE A 220 4.43 -15.60 -5.93
C PHE A 220 3.70 -15.57 -4.59
N VAL A 221 3.45 -16.75 -4.01
CA VAL A 221 2.71 -16.85 -2.72
C VAL A 221 3.47 -17.83 -1.82
N HIS A 222 3.78 -17.45 -0.56
CA HIS A 222 4.39 -18.38 0.41
C HIS A 222 3.90 -18.08 1.81
N ASP A 223 4.14 -18.97 2.76
CA ASP A 223 3.70 -18.80 4.16
C ASP A 223 4.80 -19.30 5.11
N HIS A 224 4.59 -19.14 6.42
CA HIS A 224 5.58 -19.43 7.47
C HIS A 224 5.73 -20.95 7.66
N CYS A 225 4.79 -21.74 7.11
CA CYS A 225 4.87 -23.23 7.06
C CYS A 225 5.70 -23.71 5.87
N HIS A 226 6.29 -22.79 5.09
CA HIS A 226 7.21 -23.04 3.94
C HIS A 226 6.47 -23.51 2.68
N ARG A 227 5.14 -23.39 2.65
N ARG A 227 5.13 -23.40 2.65
CA ARG A 227 4.35 -23.63 1.41
CA ARG A 227 4.32 -23.61 1.43
C ARG A 227 4.69 -22.52 0.42
C ARG A 227 4.71 -22.51 0.43
N ALA A 228 4.85 -22.85 -0.86
CA ALA A 228 5.27 -21.90 -1.90
C ALA A 228 4.64 -22.28 -3.24
N GLY A 229 4.01 -21.32 -3.92
CA GLY A 229 3.39 -21.54 -5.24
C GLY A 229 3.61 -20.35 -6.15
N VAL A 230 3.53 -20.57 -7.46
CA VAL A 230 3.62 -19.47 -8.46
C VAL A 230 2.59 -19.78 -9.54
N TRP A 231 1.85 -18.77 -9.99
CA TRP A 231 0.86 -18.92 -11.07
C TRP A 231 0.94 -17.74 -12.03
N LEU A 232 0.57 -17.96 -13.30
CA LEU A 232 0.29 -16.87 -14.27
C LEU A 232 -1.12 -16.34 -14.00
N ILE A 233 -1.28 -15.02 -13.98
CA ILE A 233 -2.60 -14.35 -13.87
C ILE A 233 -2.68 -13.16 -14.83
N ASP A 234 -3.92 -12.74 -15.13
CA ASP A 234 -4.32 -11.48 -15.84
C ASP A 234 -4.11 -11.62 -17.34
N PHE A 235 -5.13 -12.13 -18.04
CA PHE A 235 -5.11 -12.41 -19.50
C PHE A 235 -5.96 -11.36 -20.22
N GLY A 236 -6.16 -10.20 -19.60
CA GLY A 236 -7.01 -9.12 -20.16
C GLY A 236 -6.46 -8.50 -21.44
N LYS A 237 -5.16 -8.65 -21.73
CA LYS A 237 -4.53 -8.09 -22.95
C LYS A 237 -3.77 -9.19 -23.70
N THR A 238 -4.20 -10.44 -23.57
CA THR A 238 -3.60 -11.60 -24.28
C THR A 238 -4.47 -11.92 -25.50
N THR A 239 -3.88 -11.87 -26.71
CA THR A 239 -4.61 -11.94 -28.01
C THR A 239 -3.95 -12.95 -28.96
N PRO A 240 -4.73 -13.69 -29.78
CA PRO A 240 -4.16 -14.64 -30.73
C PRO A 240 -3.53 -13.94 -31.95
N LEU A 241 -2.46 -14.52 -32.49
CA LEU A 241 -1.84 -14.01 -33.74
C LEU A 241 -2.72 -14.45 -34.90
N PRO A 242 -2.71 -13.69 -36.02
CA PRO A 242 -3.51 -14.02 -37.20
C PRO A 242 -2.92 -15.23 -37.92
N ASP A 243 -3.71 -15.82 -38.83
CA ASP A 243 -3.26 -16.89 -39.76
C ASP A 243 -2.68 -18.04 -38.93
N GLY A 244 -1.53 -18.60 -39.33
CA GLY A 244 -0.80 -19.63 -38.56
C GLY A 244 0.53 -19.09 -38.04
N GLN A 245 0.53 -17.84 -37.57
CA GLN A 245 1.73 -17.06 -37.16
C GLN A 245 2.07 -17.41 -35.70
N ILE A 246 3.37 -17.51 -35.35
CA ILE A 246 3.80 -17.81 -33.95
C ILE A 246 4.83 -16.77 -33.50
N LEU A 247 5.03 -16.64 -32.17
CA LEU A 247 6.09 -15.80 -31.53
C LEU A 247 7.15 -16.73 -30.92
N ASP A 248 8.39 -16.26 -30.79
CA ASP A 248 9.45 -16.98 -30.04
C ASP A 248 9.51 -16.48 -28.59
N HIS A 249 8.95 -15.30 -28.28
CA HIS A 249 8.84 -14.75 -26.90
C HIS A 249 10.22 -14.41 -26.31
N ARG A 250 11.29 -14.35 -27.10
CA ARG A 250 12.64 -13.93 -26.62
C ARG A 250 13.19 -12.75 -27.46
N ARG A 251 12.89 -12.69 -28.76
CA ARG A 251 13.53 -11.70 -29.66
C ARG A 251 13.01 -10.30 -29.32
N PRO A 252 13.78 -9.23 -29.62
CA PRO A 252 13.34 -7.87 -29.33
C PRO A 252 12.05 -7.50 -30.06
N TRP A 253 11.21 -6.70 -29.38
CA TRP A 253 9.98 -6.13 -29.96
C TRP A 253 10.35 -5.03 -30.96
N GLU A 254 9.73 -5.07 -32.14
CA GLU A 254 9.73 -3.98 -33.15
C GLU A 254 8.29 -3.86 -33.66
N GLU A 255 7.72 -2.65 -33.68
CA GLU A 255 6.31 -2.41 -34.05
C GLU A 255 5.98 -3.21 -35.33
N GLY A 256 4.97 -4.08 -35.27
CA GLY A 256 4.58 -5.01 -36.35
C GLY A 256 4.82 -6.47 -36.02
N ASN A 257 5.84 -6.81 -35.22
CA ASN A 257 6.22 -8.23 -34.95
C ASN A 257 5.48 -8.79 -33.72
N ARG A 258 4.84 -7.94 -32.92
CA ARG A 258 3.93 -8.36 -31.81
C ARG A 258 4.70 -9.14 -30.72
N GLU A 259 6.03 -9.07 -30.70
CA GLU A 259 6.86 -9.81 -29.71
C GLU A 259 6.71 -9.15 -28.33
N ASP A 260 6.72 -9.98 -27.27
CA ASP A 260 6.41 -9.55 -25.89
C ASP A 260 7.60 -9.73 -24.94
N GLY A 261 8.68 -10.41 -25.36
CA GLY A 261 9.86 -10.67 -24.49
C GLY A 261 9.51 -11.48 -23.23
N TYR A 262 8.38 -12.19 -23.20
CA TYR A 262 7.92 -12.92 -21.99
C TYR A 262 9.02 -13.85 -21.47
N LEU A 263 9.61 -14.67 -22.37
CA LEU A 263 10.60 -15.70 -21.93
C LEU A 263 11.98 -15.08 -21.69
N LEU A 264 12.33 -13.94 -22.29
CA LEU A 264 13.53 -13.17 -21.89
C LEU A 264 13.39 -12.80 -20.40
N GLY A 265 12.21 -12.30 -20.03
CA GLY A 265 11.85 -11.99 -18.63
C GLY A 265 11.99 -13.20 -17.73
N LEU A 266 11.34 -14.31 -18.09
CA LEU A 266 11.34 -15.51 -17.21
C LEU A 266 12.77 -16.05 -17.08
N ASP A 267 13.56 -16.08 -18.16
CA ASP A 267 14.98 -16.51 -18.12
C ASP A 267 15.76 -15.67 -17.09
N ASN A 268 15.59 -14.34 -17.15
CA ASN A 268 16.33 -13.41 -16.25
C ASN A 268 15.89 -13.61 -14.80
N LEU A 269 14.58 -13.75 -14.57
CA LEU A 269 13.98 -13.97 -13.23
C LEU A 269 14.52 -15.26 -12.60
N ILE A 270 14.55 -16.37 -13.34
CA ILE A 270 15.15 -17.65 -12.85
C ILE A 270 16.63 -17.40 -12.51
N GLY A 271 17.38 -16.69 -13.34
CA GLY A 271 18.81 -16.39 -13.10
C GLY A 271 19.03 -15.64 -11.80
N ILE A 272 18.18 -14.65 -11.53
CA ILE A 272 18.28 -13.81 -10.30
C ILE A 272 17.99 -14.67 -9.07
N LEU A 273 16.92 -15.46 -9.08
CA LEU A 273 16.56 -16.35 -7.94
C LEU A 273 17.64 -17.44 -7.76
N ALA A 274 18.23 -17.96 -8.84
CA ALA A 274 19.32 -18.96 -8.75
C ALA A 274 20.56 -18.31 -8.12
N SER A 275 20.85 -17.05 -8.46
CA SER A 275 21.97 -16.26 -7.85
C SER A 275 21.72 -16.08 -6.35
N LEU A 276 20.50 -15.68 -6.00
CA LEU A 276 20.11 -15.43 -4.59
C LEU A 276 20.31 -16.72 -3.79
N ALA A 277 19.97 -17.89 -4.36
CA ALA A 277 20.02 -19.19 -3.64
C ALA A 277 21.48 -19.51 -3.26
N GLU A 278 22.47 -19.00 -3.99
CA GLU A 278 23.91 -19.29 -3.75
C GLU A 278 24.56 -18.23 -2.87
N ARG A 279 23.83 -17.19 -2.44
CA ARG A 279 24.38 -16.10 -1.58
C ARG A 279 24.48 -16.60 -0.13
N GLY B 1 -3.54 17.59 -4.59
CA GLY B 1 -4.74 18.38 -4.96
C GLY B 1 -6.00 17.86 -4.28
N SER B 2 -6.17 16.54 -4.18
CA SER B 2 -7.41 15.89 -3.67
C SER B 2 -7.09 14.50 -3.10
N HIS B 3 -7.63 14.14 -1.93
CA HIS B 3 -7.45 12.79 -1.33
C HIS B 3 -8.18 11.74 -2.20
N MET B 4 -9.45 12.00 -2.54
CA MET B 4 -10.33 11.07 -3.31
C MET B 4 -9.69 10.75 -4.67
N SER B 5 -8.93 11.67 -5.26
CA SER B 5 -8.08 11.42 -6.45
C SER B 5 -7.21 10.19 -6.19
N TRP B 6 -6.37 10.24 -5.13
CA TRP B 6 -5.52 9.10 -4.70
C TRP B 6 -6.40 7.85 -4.56
N VAL B 7 -7.34 7.83 -3.59
CA VAL B 7 -8.27 6.69 -3.35
C VAL B 7 -9.28 6.64 -4.51
N GLY B 14 -14.33 3.56 2.35
CA GLY B 14 -15.11 3.07 3.50
C GLY B 14 -15.50 4.20 4.43
N SER B 15 -14.51 4.95 4.94
CA SER B 15 -14.71 6.09 5.87
C SER B 15 -14.91 7.39 5.08
N PHE B 16 -14.14 7.59 4.00
CA PHE B 16 -14.08 8.86 3.22
C PHE B 16 -14.91 8.74 1.93
N LYS B 17 -15.62 9.83 1.60
CA LYS B 17 -16.54 9.96 0.45
C LYS B 17 -16.31 11.35 -0.18
N ALA B 18 -16.37 11.43 -1.51
CA ALA B 18 -16.20 12.69 -2.27
C ALA B 18 -17.27 13.70 -1.83
N ALA B 19 -16.88 14.96 -1.65
CA ALA B 19 -17.82 16.08 -1.38
C ALA B 19 -18.15 16.75 -2.72
N GLY B 20 -19.31 17.39 -2.81
CA GLY B 20 -19.73 18.20 -3.97
C GLY B 20 -18.98 19.53 -4.03
N THR B 21 -18.74 20.15 -2.86
CA THR B 21 -18.05 21.45 -2.71
C THR B 21 -16.55 21.28 -2.96
N SER B 22 -15.96 22.09 -3.84
CA SER B 22 -14.51 22.09 -4.12
C SER B 22 -13.75 22.40 -2.83
N GLY B 23 -12.69 21.64 -2.54
CA GLY B 23 -11.81 21.85 -1.37
C GLY B 23 -12.26 21.09 -0.13
N LEU B 24 -13.38 20.36 -0.19
CA LEU B 24 -13.95 19.64 0.97
C LEU B 24 -13.87 18.13 0.74
N ILE B 25 -14.02 17.37 1.82
CA ILE B 25 -14.07 15.88 1.83
C ILE B 25 -15.05 15.44 2.93
N LEU B 26 -15.70 14.29 2.75
CA LEU B 26 -16.66 13.76 3.76
C LEU B 26 -16.03 12.57 4.47
N LYS B 27 -16.19 12.51 5.80
CA LYS B 27 -15.73 11.39 6.66
C LYS B 27 -16.94 10.89 7.44
N ARG B 28 -17.16 9.57 7.44
CA ARG B 28 -18.25 8.94 8.24
C ARG B 28 -18.22 9.53 9.66
N CYS B 29 -19.35 10.04 10.12
CA CYS B 29 -19.52 10.73 11.42
C CYS B 29 -19.54 9.70 12.56
N SER B 30 -18.75 9.95 13.61
CA SER B 30 -18.78 9.25 14.91
C SER B 30 -18.87 10.32 16.01
N GLU B 31 -19.65 10.08 17.07
CA GLU B 31 -20.02 11.14 18.05
C GLU B 31 -18.78 11.68 18.75
N PRO B 32 -17.80 10.84 19.19
CA PRO B 32 -16.59 11.37 19.83
C PRO B 32 -15.82 12.33 18.92
N GLU B 33 -15.64 11.96 17.65
CA GLU B 33 -14.89 12.79 16.66
C GLU B 33 -15.66 14.09 16.39
N ARG B 34 -17.00 14.03 16.22
CA ARG B 34 -17.84 15.24 16.03
C ARG B 34 -17.69 16.16 17.24
N TYR B 35 -17.82 15.65 18.46
CA TYR B 35 -17.69 16.43 19.72
C TYR B 35 -16.33 17.16 19.72
N CYS B 36 -15.26 16.45 19.34
CA CYS B 36 -13.88 17.01 19.39
C CYS B 36 -13.73 18.13 18.37
N LEU B 37 -14.13 17.91 17.11
CA LEU B 37 -13.91 18.91 16.03
C LEU B 37 -14.71 20.18 16.33
N ALA B 38 -15.91 20.06 16.91
CA ALA B 38 -16.75 21.24 17.29
C ALA B 38 -15.98 22.08 18.32
N ARG B 39 -15.38 21.44 19.32
CA ARG B 39 -14.58 22.13 20.37
C ARG B 39 -13.30 22.74 19.74
N LEU B 40 -12.64 22.02 18.84
CA LEU B 40 -11.32 22.46 18.30
C LEU B 40 -11.50 23.73 17.45
N MET B 41 -12.65 23.94 16.84
CA MET B 41 -12.89 25.15 16.00
C MET B 41 -12.89 26.42 16.89
N ALA B 42 -13.10 26.27 18.20
CA ALA B 42 -13.13 27.39 19.16
C ALA B 42 -11.90 27.35 20.09
N ASP B 43 -10.88 26.56 19.76
CA ASP B 43 -9.70 26.35 20.64
C ASP B 43 -8.46 27.02 20.03
N ALA B 44 -7.36 27.16 20.80
CA ALA B 44 -6.04 27.57 20.28
C ALA B 44 -5.61 26.68 19.10
N LEU B 45 -6.00 25.40 19.09
CA LEU B 45 -5.62 24.42 18.03
C LEU B 45 -6.44 24.56 16.74
N ARG B 46 -7.32 25.56 16.60
CA ARG B 46 -8.16 25.71 15.37
C ARG B 46 -7.32 25.56 14.09
N GLY B 47 -6.18 26.25 13.96
CA GLY B 47 -5.35 26.29 12.73
C GLY B 47 -4.52 25.03 12.54
N CYS B 48 -4.49 24.14 13.52
CA CYS B 48 -3.61 22.93 13.53
C CYS B 48 -4.42 21.69 13.15
N VAL B 49 -5.72 21.84 12.88
CA VAL B 49 -6.64 20.70 12.54
C VAL B 49 -7.42 21.07 11.28
N PRO B 50 -7.98 20.08 10.53
CA PRO B 50 -8.77 20.41 9.35
C PRO B 50 -10.01 21.20 9.75
N ALA B 51 -10.40 22.21 8.95
CA ALA B 51 -11.67 22.94 9.15
C ALA B 51 -12.84 21.94 9.18
N PHE B 52 -13.72 22.09 10.16
CA PHE B 52 -14.97 21.31 10.35
C PHE B 52 -16.15 22.26 10.14
N HIS B 53 -16.99 21.95 9.16
CA HIS B 53 -18.11 22.82 8.69
C HIS B 53 -19.48 22.30 9.15
N GLY B 54 -19.53 21.14 9.81
CA GLY B 54 -20.79 20.54 10.32
C GLY B 54 -21.03 19.15 9.73
N VAL B 55 -22.22 18.60 10.01
CA VAL B 55 -22.62 17.21 9.64
C VAL B 55 -23.65 17.31 8.52
N VAL B 56 -23.48 16.54 7.46
CA VAL B 56 -24.41 16.47 6.30
C VAL B 56 -24.93 15.04 6.19
N GLU B 57 -26.13 14.88 5.63
CA GLU B 57 -26.75 13.57 5.35
C GLU B 57 -26.48 13.22 3.88
N ARG B 58 -25.85 12.08 3.61
CA ARG B 58 -25.52 11.60 2.24
C ARG B 58 -25.91 10.14 2.11
N ASP B 59 -26.96 9.87 1.31
CA ASP B 59 -27.47 8.51 1.00
C ASP B 59 -27.87 7.81 2.31
N GLY B 60 -28.58 8.53 3.19
CA GLY B 60 -29.16 8.02 4.44
C GLY B 60 -28.18 7.92 5.60
N GLU B 61 -26.95 8.43 5.45
CA GLU B 61 -25.87 8.31 6.47
C GLU B 61 -25.24 9.67 6.77
N SER B 62 -24.77 9.87 8.01
CA SER B 62 -24.15 11.12 8.52
C SER B 62 -22.66 11.17 8.16
N TYR B 63 -22.20 12.31 7.66
CA TYR B 63 -20.76 12.56 7.35
C TYR B 63 -20.35 13.89 7.99
N LEU B 64 -19.10 13.96 8.46
CA LEU B 64 -18.43 15.22 8.82
C LEU B 64 -18.00 15.91 7.52
N GLN B 65 -18.32 17.19 7.36
CA GLN B 65 -17.85 18.02 6.23
C GLN B 65 -16.51 18.68 6.63
N LEU B 66 -15.40 18.21 6.07
CA LEU B 66 -14.02 18.62 6.44
C LEU B 66 -13.31 19.29 5.27
N GLN B 67 -12.39 20.21 5.59
CA GLN B 67 -11.32 20.67 4.68
C GLN B 67 -10.57 19.44 4.13
N ASP B 68 -10.38 19.37 2.82
CA ASP B 68 -9.44 18.41 2.18
C ASP B 68 -8.04 19.02 2.26
N LEU B 69 -7.19 18.50 3.15
CA LEU B 69 -5.84 19.03 3.42
C LEU B 69 -4.92 18.96 2.17
N LEU B 70 -5.25 18.15 1.15
CA LEU B 70 -4.40 18.06 -0.07
C LEU B 70 -4.74 19.18 -1.08
N ASP B 71 -5.82 19.92 -0.86
CA ASP B 71 -6.38 20.87 -1.87
C ASP B 71 -5.30 21.84 -2.38
N GLY B 72 -4.52 22.45 -1.48
CA GLY B 72 -3.57 23.52 -1.84
C GLY B 72 -2.25 23.02 -2.41
N PHE B 73 -2.13 21.73 -2.74
CA PHE B 73 -0.84 21.10 -3.15
C PHE B 73 -0.92 20.58 -4.61
N ASP B 74 0.21 20.59 -5.31
CA ASP B 74 0.34 20.10 -6.71
C ASP B 74 1.21 18.84 -6.70
N GLY B 75 0.58 17.67 -6.74
CA GLY B 75 1.27 16.37 -6.62
C GLY B 75 1.76 16.12 -5.19
N PRO B 76 0.83 16.05 -4.20
CA PRO B 76 1.22 15.86 -2.80
C PRO B 76 1.82 14.48 -2.46
N CYS B 77 2.88 14.47 -1.65
CA CYS B 77 3.45 13.30 -0.93
C CYS B 77 2.92 13.37 0.50
N VAL B 78 2.51 12.24 1.09
CA VAL B 78 1.78 12.24 2.38
C VAL B 78 2.42 11.22 3.31
N LEU B 79 2.74 11.61 4.56
CA LEU B 79 3.22 10.64 5.60
C LEU B 79 2.30 10.75 6.81
N ASP B 80 1.80 9.61 7.29
CA ASP B 80 0.88 9.50 8.46
C ASP B 80 1.68 8.96 9.64
N CYS B 81 1.72 9.74 10.72
CA CYS B 81 2.47 9.46 11.96
C CYS B 81 1.50 9.27 13.13
N LYS B 82 1.32 8.04 13.66
CA LYS B 82 0.38 7.81 14.79
C LYS B 82 1.04 8.28 16.10
N MET B 83 0.37 9.13 16.87
CA MET B 83 0.99 9.78 18.07
C MET B 83 0.56 9.10 19.37
N GLY B 84 1.51 8.93 20.28
CA GLY B 84 1.24 8.43 21.65
C GLY B 84 2.03 7.18 22.01
N VAL B 85 2.26 6.96 23.29
CA VAL B 85 2.89 5.70 23.80
C VAL B 85 1.85 4.57 23.89
N ARG B 86 0.56 4.91 23.89
CA ARG B 86 -0.57 3.95 24.05
C ARG B 86 -1.57 4.21 22.92
N THR B 87 -2.13 3.15 22.33
CA THR B 87 -2.93 3.22 21.09
C THR B 87 -4.35 2.64 21.29
N TYR B 88 -4.75 2.37 22.52
CA TYR B 88 -6.07 1.79 22.90
C TYR B 88 -6.56 2.49 24.16
N LEU B 89 -7.87 2.50 24.40
CA LEU B 89 -8.52 3.07 25.62
C LEU B 89 -8.33 2.09 26.77
N GLU B 90 -8.24 2.59 28.01
CA GLU B 90 -8.05 1.78 29.24
C GLU B 90 -9.22 0.79 29.42
N GLU B 91 -10.43 1.17 28.99
CA GLU B 91 -11.66 0.31 29.09
C GLU B 91 -11.45 -1.04 28.39
N GLU B 92 -10.53 -1.12 27.41
CA GLU B 92 -10.18 -2.38 26.69
C GLU B 92 -9.52 -3.39 27.64
N LEU B 93 -8.86 -2.93 28.71
CA LEU B 93 -8.17 -3.80 29.69
C LEU B 93 -9.20 -4.42 30.64
N THR B 94 -9.99 -3.59 31.32
CA THR B 94 -10.99 -3.97 32.36
C THR B 94 -11.91 -5.06 31.83
N LYS B 95 -12.42 -4.89 30.60
CA LYS B 95 -13.35 -5.86 29.94
C LYS B 95 -12.57 -7.12 29.54
N ALA B 96 -11.28 -6.99 29.18
CA ALA B 96 -10.36 -8.10 28.88
C ALA B 96 -9.87 -8.74 30.19
N ARG B 97 -9.82 -7.98 31.29
CA ARG B 97 -9.29 -8.43 32.60
C ARG B 97 -10.43 -8.90 33.52
N GLU B 98 -11.68 -8.95 33.01
CA GLU B 98 -12.85 -9.51 33.74
C GLU B 98 -13.23 -10.86 33.09
N ARG B 99 -13.74 -10.81 31.85
CA ARG B 99 -14.16 -11.99 31.05
C ARG B 99 -13.65 -11.80 29.63
N PRO B 100 -12.40 -12.20 29.34
CA PRO B 100 -11.67 -11.74 28.15
C PRO B 100 -12.29 -12.18 26.82
N LYS B 101 -12.54 -11.21 25.92
CA LYS B 101 -12.86 -11.47 24.50
C LYS B 101 -11.55 -11.73 23.75
N LEU B 102 -11.41 -12.93 23.18
CA LEU B 102 -10.22 -13.38 22.43
C LEU B 102 -10.42 -13.09 20.93
N ARG B 103 -9.33 -12.80 20.23
CA ARG B 103 -9.33 -12.38 18.80
C ARG B 103 -8.46 -13.37 18.01
N LYS B 104 -9.04 -13.97 16.97
CA LYS B 104 -8.35 -14.91 16.04
C LYS B 104 -7.62 -14.08 14.97
N ASP B 105 -8.34 -13.13 14.35
CA ASP B 105 -7.82 -12.20 13.31
C ASP B 105 -6.54 -11.51 13.82
N MET B 106 -6.49 -11.12 15.09
CA MET B 106 -5.32 -10.42 15.69
C MET B 106 -4.21 -11.42 16.00
N TYR B 107 -4.56 -12.62 16.47
CA TYR B 107 -3.59 -13.74 16.58
C TYR B 107 -3.00 -13.99 15.20
N LYS B 108 -3.85 -13.99 14.17
CA LYS B 108 -3.47 -14.13 12.72
C LYS B 108 -2.50 -13.01 12.33
N LYS B 109 -2.95 -11.75 12.40
CA LYS B 109 -2.11 -10.54 12.13
C LYS B 109 -0.75 -10.76 12.81
N MET B 110 -0.75 -10.98 14.12
CA MET B 110 0.44 -11.22 14.98
C MET B 110 1.19 -12.46 14.47
N LEU B 111 0.52 -13.61 14.46
CA LEU B 111 1.09 -14.92 13.99
C LEU B 111 1.87 -14.68 12.70
N ALA B 112 1.31 -13.89 11.78
CA ALA B 112 1.81 -13.74 10.40
C ALA B 112 2.81 -12.57 10.30
N VAL B 113 2.79 -11.59 11.22
CA VAL B 113 3.91 -10.61 11.38
C VAL B 113 5.14 -11.40 11.83
N ASP B 114 5.03 -12.00 13.02
CA ASP B 114 6.08 -12.79 13.70
C ASP B 114 5.41 -14.09 14.18
N PRO B 115 5.66 -15.23 13.49
CA PRO B 115 5.07 -16.51 13.89
C PRO B 115 5.38 -17.04 15.30
N GLU B 116 6.41 -16.52 16.01
CA GLU B 116 6.84 -17.08 17.33
C GLU B 116 6.74 -16.03 18.46
N ALA B 117 5.97 -14.95 18.28
CA ALA B 117 5.75 -13.91 19.32
C ALA B 117 4.84 -14.44 20.44
N PRO B 118 3.73 -15.16 20.14
CA PRO B 118 2.77 -15.59 21.15
C PRO B 118 3.33 -16.39 22.34
N THR B 119 2.57 -16.40 23.46
CA THR B 119 2.82 -17.26 24.65
C THR B 119 2.31 -18.68 24.34
N GLU B 120 2.62 -19.63 25.23
CA GLU B 120 2.35 -21.07 25.05
C GLU B 120 0.83 -21.29 25.09
N GLU B 121 0.13 -20.62 26.02
CA GLU B 121 -1.35 -20.62 26.13
C GLU B 121 -1.95 -20.04 24.84
N GLU B 122 -1.59 -18.80 24.51
CA GLU B 122 -2.02 -18.04 23.30
C GLU B 122 -1.85 -18.91 22.05
N HIS B 123 -0.70 -19.58 21.94
CA HIS B 123 -0.28 -20.35 20.73
C HIS B 123 -1.20 -21.57 20.55
N ALA B 124 -1.74 -22.11 21.66
CA ALA B 124 -2.67 -23.27 21.67
C ALA B 124 -4.04 -22.88 21.09
N GLN B 125 -4.60 -21.75 21.53
CA GLN B 125 -6.00 -21.32 21.23
C GLN B 125 -6.06 -20.56 19.91
N ARG B 126 -4.91 -20.11 19.39
CA ARG B 126 -4.81 -19.24 18.17
C ARG B 126 -5.71 -18.01 18.36
N ALA B 127 -5.63 -17.39 19.55
CA ALA B 127 -6.35 -16.15 19.92
C ALA B 127 -5.54 -15.35 20.95
N VAL B 128 -5.62 -14.02 20.87
CA VAL B 128 -5.01 -13.04 21.82
C VAL B 128 -6.05 -11.96 22.13
N THR B 129 -5.90 -11.27 23.26
CA THR B 129 -6.72 -10.07 23.60
C THR B 129 -6.23 -8.90 22.73
N LYS B 130 -7.09 -7.91 22.52
CA LYS B 130 -6.78 -6.65 21.78
C LYS B 130 -5.64 -5.91 22.48
N PRO B 131 -5.72 -5.63 23.81
CA PRO B 131 -4.64 -4.93 24.50
C PRO B 131 -3.27 -5.60 24.35
N ARG B 132 -3.24 -6.92 24.46
CA ARG B 132 -1.98 -7.70 24.25
C ARG B 132 -1.50 -7.51 22.80
N TYR B 133 -2.40 -7.57 21.82
CA TYR B 133 -2.03 -7.36 20.39
C TYR B 133 -1.49 -5.92 20.24
N MET B 134 -2.20 -4.92 20.74
CA MET B 134 -1.85 -3.49 20.53
C MET B 134 -0.54 -3.18 21.29
N GLN B 135 -0.35 -3.75 22.48
CA GLN B 135 0.90 -3.59 23.27
C GLN B 135 2.09 -4.18 22.50
N TRP B 136 1.87 -5.33 21.86
CA TRP B 136 2.94 -5.97 21.06
C TRP B 136 3.28 -5.08 19.84
N ARG B 137 2.28 -4.50 19.17
CA ARG B 137 2.49 -3.59 18.00
C ARG B 137 3.29 -2.37 18.46
N GLU B 138 2.97 -1.85 19.65
CA GLU B 138 3.65 -0.65 20.22
C GLU B 138 5.13 -0.96 20.46
N GLY B 139 5.46 -2.20 20.86
CA GLY B 139 6.82 -2.57 21.28
C GLY B 139 7.75 -2.92 20.13
N ILE B 140 7.24 -3.42 19.00
CA ILE B 140 8.09 -3.79 17.82
C ILE B 140 8.28 -2.56 16.91
N SER B 141 7.38 -1.57 17.01
CA SER B 141 7.53 -0.24 16.36
C SER B 141 8.17 0.74 17.37
N SER B 142 8.21 2.03 17.04
CA SER B 142 8.78 3.09 17.90
C SER B 142 7.79 3.61 18.95
N SER B 143 6.53 3.16 19.00
CA SER B 143 5.48 3.76 19.87
C SER B 143 5.96 3.75 21.33
N THR B 144 6.36 2.59 21.84
CA THR B 144 6.62 2.40 23.29
C THR B 144 7.77 3.31 23.73
N THR B 145 8.86 3.36 22.96
CA THR B 145 10.14 4.02 23.36
C THR B 145 10.13 5.50 22.95
N LEU B 146 9.58 5.85 21.79
CA LEU B 146 9.68 7.25 21.28
C LEU B 146 8.35 8.01 21.36
N GLY B 147 7.20 7.34 21.52
CA GLY B 147 5.89 8.00 21.67
C GLY B 147 5.24 8.37 20.35
N PHE B 148 5.67 7.78 19.24
CA PHE B 148 5.01 7.90 17.91
C PHE B 148 5.43 6.71 17.04
N ARG B 149 4.71 6.46 15.96
CA ARG B 149 5.22 5.56 14.90
C ARG B 149 4.74 6.01 13.52
N ILE B 150 5.58 5.81 12.51
CA ILE B 150 5.20 5.99 11.07
C ILE B 150 4.23 4.87 10.66
N GLU B 151 3.02 5.21 10.19
CA GLU B 151 2.00 4.23 9.73
C GLU B 151 2.14 3.98 8.23
N GLY B 152 2.35 5.01 7.41
CA GLY B 152 2.30 4.84 5.95
C GLY B 152 2.76 6.05 5.19
N ILE B 153 3.09 5.86 3.92
CA ILE B 153 3.49 6.94 2.98
C ILE B 153 2.69 6.76 1.68
N LYS B 154 2.23 7.87 1.10
CA LYS B 154 1.66 7.94 -0.27
C LYS B 154 2.50 8.94 -1.07
N LYS B 155 3.13 8.49 -2.17
CA LYS B 155 4.11 9.27 -2.96
C LYS B 155 3.39 9.93 -4.16
N ALA B 156 3.96 11.02 -4.69
CA ALA B 156 3.43 11.75 -5.86
C ALA B 156 3.51 10.86 -7.12
N ASP B 157 4.37 9.83 -7.13
CA ASP B 157 4.52 8.87 -8.25
C ASP B 157 3.40 7.80 -8.23
N GLY B 158 2.46 7.88 -7.27
CA GLY B 158 1.28 7.00 -7.15
C GLY B 158 1.53 5.82 -6.21
N SER B 159 2.79 5.56 -5.89
CA SER B 159 3.22 4.47 -4.97
C SER B 159 2.65 4.72 -3.57
N CYS B 160 2.46 3.63 -2.84
N CYS B 160 2.41 3.66 -2.80
CA CYS B 160 1.92 3.56 -1.45
CA CYS B 160 2.08 3.77 -1.36
C CYS B 160 2.82 2.58 -0.67
C CYS B 160 2.62 2.56 -0.62
N SER B 161 2.97 2.76 0.66
CA SER B 161 3.57 1.72 1.52
C SER B 161 3.06 1.83 2.96
N THR B 162 2.76 0.70 3.59
CA THR B 162 2.47 0.57 5.04
C THR B 162 3.50 -0.36 5.69
N ASP B 163 4.64 -0.61 5.05
CA ASP B 163 5.64 -1.63 5.50
C ASP B 163 6.60 -1.01 6.53
N PHE B 164 6.08 -0.60 7.69
CA PHE B 164 6.84 0.15 8.74
C PHE B 164 6.62 -0.47 10.14
N LYS B 165 6.10 -1.70 10.21
CA LYS B 165 5.64 -2.30 11.50
C LYS B 165 6.84 -2.60 12.41
N THR B 166 8.07 -2.75 11.89
CA THR B 166 9.31 -2.98 12.71
C THR B 166 10.26 -1.77 12.63
N THR B 167 9.78 -0.58 12.24
CA THR B 167 10.58 0.67 12.26
C THR B 167 10.60 1.16 13.71
N ARG B 168 11.73 1.03 14.42
CA ARG B 168 11.77 1.21 15.91
C ARG B 168 12.85 2.19 16.37
N SER B 169 14.11 2.07 15.94
CA SER B 169 15.22 2.89 16.46
C SER B 169 15.10 4.33 15.93
N ARG B 170 15.67 5.28 16.66
N ARG B 170 15.65 5.29 16.67
CA ARG B 170 15.75 6.70 16.25
CA ARG B 170 15.75 6.72 16.22
C ARG B 170 16.33 6.79 14.83
C ARG B 170 16.30 6.77 14.79
N GLU B 171 17.39 6.03 14.54
CA GLU B 171 18.06 6.06 13.21
C GLU B 171 17.17 5.42 12.13
N GLN B 172 16.38 4.39 12.42
CA GLN B 172 15.43 3.78 11.46
C GLN B 172 14.36 4.81 11.07
N VAL B 173 13.89 5.58 12.04
CA VAL B 173 12.84 6.62 11.80
C VAL B 173 13.45 7.73 10.95
N LEU B 174 14.65 8.18 11.32
CA LEU B 174 15.38 9.25 10.57
C LEU B 174 15.51 8.84 9.10
N ARG B 175 15.83 7.57 8.82
CA ARG B 175 16.04 7.10 7.43
C ARG B 175 14.73 7.12 6.64
N VAL B 176 13.58 6.82 7.25
CA VAL B 176 12.25 6.92 6.58
C VAL B 176 11.97 8.39 6.24
N PHE B 177 12.20 9.32 7.16
CA PHE B 177 11.95 10.76 6.88
C PHE B 177 12.91 11.24 5.78
N GLU B 178 14.18 10.83 5.82
CA GLU B 178 15.20 11.18 4.81
C GLU B 178 14.68 10.77 3.41
N GLU B 179 14.16 9.55 3.27
CA GLU B 179 13.65 9.03 1.99
C GLU B 179 12.40 9.83 1.59
N PHE B 180 11.54 10.20 2.54
CA PHE B 180 10.28 10.92 2.28
C PHE B 180 10.54 12.33 1.72
N VAL B 181 11.48 13.09 2.27
CA VAL B 181 11.71 14.50 1.82
C VAL B 181 12.66 14.57 0.60
N GLN B 182 13.40 13.50 0.30
CA GLN B 182 14.23 13.40 -0.94
C GLN B 182 15.18 14.61 -1.09
N GLY B 183 15.84 15.04 -0.01
CA GLY B 183 16.89 16.07 -0.03
C GLY B 183 16.38 17.49 -0.16
N ASP B 184 15.07 17.72 -0.07
CA ASP B 184 14.45 19.07 -0.23
C ASP B 184 14.62 19.83 1.09
N GLU B 185 15.63 20.69 1.18
CA GLU B 185 16.00 21.44 2.42
C GLU B 185 14.86 22.38 2.83
N GLU B 186 14.18 23.00 1.85
N GLU B 186 14.19 22.99 1.85
CA GLU B 186 13.09 23.99 2.09
CA GLU B 186 13.11 23.97 2.10
C GLU B 186 11.89 23.27 2.72
C GLU B 186 11.91 23.26 2.75
N VAL B 187 11.52 22.09 2.21
CA VAL B 187 10.41 21.27 2.79
C VAL B 187 10.75 20.91 4.24
N LEU B 188 11.95 20.40 4.50
CA LEU B 188 12.33 19.96 5.88
C LEU B 188 12.31 21.18 6.82
N ARG B 189 12.80 22.34 6.36
CA ARG B 189 12.83 23.59 7.18
C ARG B 189 11.38 23.95 7.55
N ARG B 190 10.48 23.92 6.57
CA ARG B 190 9.04 24.28 6.76
C ARG B 190 8.36 23.25 7.67
N TYR B 191 8.66 21.96 7.54
CA TYR B 191 8.10 20.95 8.47
C TYR B 191 8.53 21.26 9.91
N LEU B 192 9.81 21.57 10.13
CA LEU B 192 10.33 21.83 11.50
C LEU B 192 9.68 23.11 12.06
N ASN B 193 9.56 24.18 11.27
CA ASN B 193 8.92 25.45 11.72
C ASN B 193 7.47 25.16 12.13
N ARG B 194 6.76 24.33 11.36
CA ARG B 194 5.34 24.00 11.68
C ARG B 194 5.26 23.16 12.97
N LEU B 195 6.12 22.15 13.14
CA LEU B 195 6.07 21.29 14.35
C LEU B 195 6.37 22.14 15.60
N GLN B 196 7.30 23.10 15.52
CA GLN B 196 7.63 23.98 16.68
C GLN B 196 6.41 24.82 17.06
N GLN B 197 5.68 25.36 16.08
CA GLN B 197 4.47 26.18 16.29
C GLN B 197 3.32 25.30 16.80
N ILE B 198 3.14 24.07 16.29
CA ILE B 198 2.14 23.11 16.85
C ILE B 198 2.47 22.83 18.32
N ARG B 199 3.73 22.58 18.66
CA ARG B 199 4.11 22.23 20.05
C ARG B 199 3.71 23.42 20.96
N ASP B 200 4.07 24.64 20.57
CA ASP B 200 3.74 25.87 21.35
C ASP B 200 2.20 25.98 21.53
N THR B 201 1.42 25.70 20.50
CA THR B 201 -0.06 25.75 20.55
C THR B 201 -0.60 24.66 21.50
N LEU B 202 -0.12 23.42 21.41
CA LEU B 202 -0.54 22.33 22.32
C LEU B 202 -0.27 22.69 23.78
N GLU B 203 0.85 23.33 24.07
CA GLU B 203 1.27 23.64 25.47
C GLU B 203 0.35 24.70 26.10
N VAL B 204 -0.41 25.47 25.33
CA VAL B 204 -1.35 26.50 25.87
C VAL B 204 -2.83 26.13 25.65
N SER B 205 -3.14 25.10 24.84
CA SER B 205 -4.52 24.70 24.46
C SER B 205 -5.37 24.29 25.67
N GLU B 206 -6.54 24.91 25.87
CA GLU B 206 -7.54 24.50 26.90
C GLU B 206 -8.06 23.09 26.61
N PHE B 207 -8.33 22.79 25.34
CA PHE B 207 -8.79 21.47 24.88
C PHE B 207 -7.75 20.41 25.25
N PHE B 208 -6.50 20.65 24.88
CA PHE B 208 -5.46 19.59 24.96
C PHE B 208 -5.22 19.18 26.43
N ARG B 209 -5.15 20.15 27.36
CA ARG B 209 -4.85 19.83 28.78
C ARG B 209 -5.99 19.01 29.41
N ARG B 210 -7.22 19.08 28.88
CA ARG B 210 -8.41 18.41 29.49
C ARG B 210 -8.86 17.16 28.73
N HIS B 211 -8.13 16.70 27.71
CA HIS B 211 -8.52 15.52 26.90
C HIS B 211 -7.36 14.52 26.80
N GLU B 212 -7.72 13.24 26.82
CA GLU B 212 -6.84 12.08 26.55
C GLU B 212 -6.88 11.84 25.03
N VAL B 213 -5.74 11.93 24.35
CA VAL B 213 -5.67 11.92 22.87
C VAL B 213 -5.02 10.62 22.41
N ILE B 214 -5.85 9.62 22.09
CA ILE B 214 -5.43 8.23 21.71
C ILE B 214 -5.76 7.99 20.23
N GLY B 215 -4.83 7.41 19.48
CA GLY B 215 -5.05 6.94 18.09
C GLY B 215 -5.18 8.07 17.09
N SER B 216 -4.76 9.28 17.45
CA SER B 216 -4.70 10.43 16.51
C SER B 216 -3.39 10.39 15.72
N SER B 217 -3.33 11.12 14.61
CA SER B 217 -2.12 11.17 13.76
C SER B 217 -1.69 12.62 13.51
N LEU B 218 -0.41 12.81 13.22
CA LEU B 218 0.09 14.02 12.51
C LEU B 218 0.20 13.66 11.04
N LEU B 219 -0.42 14.45 10.17
CA LEU B 219 -0.39 14.20 8.71
C LEU B 219 0.58 15.20 8.08
N PHE B 220 1.69 14.69 7.53
CA PHE B 220 2.71 15.49 6.81
C PHE B 220 2.36 15.50 5.33
N VAL B 221 2.29 16.69 4.73
CA VAL B 221 2.00 16.86 3.27
C VAL B 221 3.02 17.81 2.65
N HIS B 222 3.63 17.43 1.53
CA HIS B 222 4.51 18.37 0.77
C HIS B 222 4.41 18.11 -0.73
N ASP B 223 4.93 19.04 -1.53
CA ASP B 223 4.91 18.92 -3.02
C ASP B 223 6.24 19.38 -3.63
N HIS B 224 6.37 19.18 -4.94
CA HIS B 224 7.62 19.48 -5.72
C HIS B 224 7.83 21.00 -5.81
N CYS B 225 6.80 21.81 -5.55
CA CYS B 225 6.89 23.30 -5.45
C CYS B 225 7.34 23.75 -4.05
N HIS B 226 7.72 22.81 -3.18
CA HIS B 226 8.32 23.06 -1.84
C HIS B 226 7.27 23.50 -0.82
N ARG B 227 5.96 23.40 -1.14
CA ARG B 227 4.87 23.62 -0.15
C ARG B 227 4.92 22.49 0.88
N ALA B 228 4.72 22.81 2.16
CA ALA B 228 4.80 21.85 3.28
C ALA B 228 3.77 22.24 4.34
N GLY B 229 3.02 21.26 4.83
CA GLY B 229 2.05 21.45 5.92
C GLY B 229 2.00 20.26 6.86
N VAL B 230 1.55 20.47 8.10
CA VAL B 230 1.30 19.37 9.08
C VAL B 230 0.01 19.70 9.82
N TRP B 231 -0.85 18.70 10.03
CA TRP B 231 -2.12 18.85 10.80
C TRP B 231 -2.33 17.65 11.72
N LEU B 232 -3.03 17.86 12.84
CA LEU B 232 -3.57 16.78 13.70
C LEU B 232 -4.88 16.27 13.07
N ILE B 233 -5.04 14.95 12.94
CA ILE B 233 -6.28 14.31 12.43
C ILE B 233 -6.64 13.10 13.30
N ASP B 234 -7.91 12.69 13.21
CA ASP B 234 -8.52 11.43 13.76
C ASP B 234 -8.70 11.54 15.27
N PHE B 235 -9.86 12.05 15.68
CA PHE B 235 -10.26 12.31 17.08
C PHE B 235 -11.30 11.28 17.54
N GLY B 236 -11.37 10.12 16.87
CA GLY B 236 -12.34 9.05 17.15
C GLY B 236 -12.17 8.41 18.52
N LYS B 237 -10.99 8.50 19.13
CA LYS B 237 -10.72 7.96 20.49
C LYS B 237 -10.15 9.05 21.43
N THR B 238 -10.51 10.31 21.21
CA THR B 238 -10.12 11.45 22.08
C THR B 238 -11.33 11.76 22.98
N THR B 239 -11.16 11.71 24.31
CA THR B 239 -12.26 11.81 25.31
C THR B 239 -11.88 12.75 26.45
N PRO B 240 -12.86 13.48 27.04
CA PRO B 240 -12.58 14.41 28.12
C PRO B 240 -12.26 13.69 29.43
N LEU B 241 -11.52 14.39 30.29
CA LEU B 241 -11.21 13.92 31.67
C LEU B 241 -12.32 14.39 32.58
N PRO B 242 -12.54 13.73 33.75
CA PRO B 242 -13.47 14.21 34.76
C PRO B 242 -13.23 15.68 35.15
N ASP B 243 -14.28 16.32 35.67
CA ASP B 243 -14.35 17.80 35.91
C ASP B 243 -13.08 18.26 36.63
N GLY B 244 -12.32 19.17 36.00
CA GLY B 244 -11.16 19.85 36.60
C GLY B 244 -9.89 19.03 36.70
N GLN B 245 -9.87 17.83 36.09
N GLN B 245 -9.85 17.84 36.07
CA GLN B 245 -8.63 16.99 35.97
CA GLN B 245 -8.63 16.99 35.98
C GLN B 245 -7.92 17.34 34.66
C GLN B 245 -7.93 17.29 34.65
N ILE B 246 -6.59 17.27 34.64
CA ILE B 246 -5.76 17.53 33.44
C ILE B 246 -4.70 16.43 33.28
N LEU B 247 -4.10 16.32 32.08
CA LEU B 247 -2.92 15.48 31.77
C LEU B 247 -1.73 16.40 31.47
N ASP B 248 -0.49 15.93 31.70
CA ASP B 248 0.72 16.72 31.30
C ASP B 248 1.24 16.22 29.94
N HIS B 249 0.85 15.01 29.52
CA HIS B 249 1.09 14.48 28.15
C HIS B 249 2.58 14.15 27.92
N ARG B 250 3.41 14.12 28.97
CA ARG B 250 4.83 13.67 28.89
C ARG B 250 5.11 12.48 29.82
N ARG B 251 4.47 12.39 30.99
CA ARG B 251 4.84 11.36 32.00
C ARG B 251 4.40 9.97 31.53
N PRO B 252 5.02 8.89 32.06
CA PRO B 252 4.63 7.53 31.69
C PRO B 252 3.15 7.19 31.95
N TRP B 253 2.56 6.42 31.05
CA TRP B 253 1.21 5.83 31.26
C TRP B 253 1.29 4.73 32.33
N GLU B 254 0.43 4.84 33.33
CA GLU B 254 0.19 3.81 34.37
C GLU B 254 -1.32 3.62 34.48
N GLU B 255 -1.83 2.41 34.29
CA GLU B 255 -3.28 2.12 34.21
C GLU B 255 -4.01 2.89 35.31
N GLY B 256 -4.99 3.72 34.94
CA GLY B 256 -5.70 4.62 35.87
C GLY B 256 -5.39 6.10 35.65
N ASN B 257 -4.19 6.47 35.15
CA ASN B 257 -3.80 7.91 35.01
C ASN B 257 -4.19 8.48 33.64
N ARG B 258 -4.57 7.65 32.67
CA ARG B 258 -5.09 8.06 31.34
C ARG B 258 -4.04 8.88 30.55
N GLU B 259 -2.76 8.86 30.94
CA GLU B 259 -1.70 9.62 30.21
C GLU B 259 -1.42 8.95 28.86
N ASP B 260 -1.05 9.75 27.84
CA ASP B 260 -0.95 9.27 26.43
C ASP B 260 0.46 9.45 25.84
N GLY B 261 1.39 10.13 26.53
CA GLY B 261 2.74 10.39 26.00
C GLY B 261 2.75 11.22 24.70
N TYR B 262 1.69 11.97 24.41
CA TYR B 262 1.56 12.72 23.13
C TYR B 262 2.79 13.64 22.96
N LEU B 263 3.10 14.46 23.97
CA LEU B 263 4.17 15.48 23.83
C LEU B 263 5.56 14.84 23.91
N LEU B 264 5.70 13.69 24.58
CA LEU B 264 6.95 12.92 24.51
C LEU B 264 7.21 12.57 23.04
N GLY B 265 6.17 12.07 22.35
CA GLY B 265 6.23 11.75 20.92
C GLY B 265 6.63 12.99 20.09
N LEU B 266 5.95 14.12 20.27
CA LEU B 266 6.24 15.32 19.45
C LEU B 266 7.67 15.82 19.75
N ASP B 267 8.10 15.82 21.02
CA ASP B 267 9.48 16.21 21.38
C ASP B 267 10.50 15.36 20.58
N ASN B 268 10.29 14.03 20.51
CA ASN B 268 11.22 13.09 19.85
C ASN B 268 11.18 13.32 18.33
N LEU B 269 9.99 13.56 17.76
CA LEU B 269 9.81 13.82 16.31
C LEU B 269 10.57 15.09 15.92
N ILE B 270 10.45 16.16 16.70
CA ILE B 270 11.17 17.42 16.43
C ILE B 270 12.68 17.14 16.50
N GLY B 271 13.13 16.40 17.51
CA GLY B 271 14.57 16.09 17.67
C GLY B 271 15.14 15.36 16.46
N ILE B 272 14.38 14.39 15.95
CA ILE B 272 14.80 13.55 14.79
C ILE B 272 14.86 14.43 13.53
N LEU B 273 13.83 15.24 13.25
CA LEU B 273 13.86 16.11 12.04
C LEU B 273 14.99 17.14 12.14
N ALA B 274 15.26 17.72 13.32
CA ALA B 274 16.36 18.69 13.54
C ALA B 274 17.72 18.01 13.28
N SER B 275 17.92 16.78 13.77
CA SER B 275 19.12 15.96 13.45
C SER B 275 19.27 15.81 11.93
N LEU B 276 18.21 15.37 11.25
CA LEU B 276 18.22 15.15 9.77
C LEU B 276 18.63 16.45 9.05
N ALA B 277 18.15 17.60 9.52
CA ALA B 277 18.39 18.92 8.90
C ALA B 277 19.89 19.28 8.93
N GLU B 278 20.66 18.74 9.89
CA GLU B 278 22.11 19.06 10.06
C GLU B 278 23.00 18.03 9.36
N ARG B 279 22.44 16.96 8.79
CA ARG B 279 23.20 15.90 8.08
C ARG B 279 23.43 16.30 6.62
C2 69I C . -2.73 2.54 -16.46
C2 69I C . -2.67 2.46 -16.52
C3 69I C . -3.83 1.65 -17.01
C3 69I C . -3.84 1.61 -16.98
C4 69I C . -3.30 0.28 -17.39
C4 69I C . -3.35 0.24 -17.38
C5 69I C . -2.58 -0.33 -16.19
C5 69I C . -2.69 -0.40 -16.16
C6 69I C . -1.94 -1.67 -16.46
C6 69I C . -2.16 -1.80 -16.42
C1 69I C . -2.03 1.81 -15.31
C1 69I C . -1.97 1.74 -15.38
O11 69I C . -5.43 -2.70 -18.70
O11 69I C . -5.05 -2.86 -18.84
C01 69I C . -0.86 2.60 -14.79
C01 69I C . -0.72 2.46 -14.95
O12 69I C . -3.19 -1.86 -19.51
O12 69I C . -2.92 -1.65 -19.44
O04 69I C . 2.06 2.96 -13.87
O04 69I C . 2.04 2.96 -13.89
O08 69I C . -4.37 2.27 -18.19
O08 69I C . -4.47 2.25 -18.11
O03 69I C . 1.48 1.31 -12.06
O03 69I C . 1.45 1.39 -12.00
P4 69I C . -4.61 -1.50 -19.12
P4 69I C . -4.40 -1.53 -19.19
O01 69I C . -0.15 1.76 -13.87
O01 69I C . -0.16 1.73 -13.85
O05 69I C . -5.57 4.27 -17.37
O05 69I C . -5.53 4.28 -17.19
O06 69I C . -6.90 2.25 -18.08
O06 69I C . -6.95 2.25 -17.67
O10 69I C . -5.30 -0.65 -20.16
O10 69I C . -5.13 -0.78 -20.28
O02 69I C . 0.28 3.52 -12.17
O02 69I C . 0.23 3.58 -12.24
P1 69I C . 0.99 2.43 -12.95
P1 69I C . 0.96 2.46 -12.94
O09 69I C . -4.39 -0.57 -17.80
O09 69I C . -4.42 -0.59 -17.86
O07 69I C . -5.69 3.62 -19.82
O07 69I C . -5.96 3.56 -19.59
P3 69I C . -5.73 3.16 -18.39
P3 69I C . -5.82 3.14 -18.15
O2 69I C . -3.30 3.75 -15.96
O2 69I C . -3.11 3.73 -16.08
O5 69I C . -1.52 0.55 -15.78
O5 69I C . -1.57 0.42 -15.78
O6 69I C . -1.62 -2.34 -15.24
O6 69I C . -1.78 -1.97 -17.78
PG ATP D . -4.03 -4.74 -13.54
O1G ATP D . -2.69 -5.44 -13.42
O2G ATP D . -4.67 -4.97 -14.90
O3G ATP D . -3.96 -3.27 -13.19
PB ATP D . -6.31 -6.34 -12.62
O1B ATP D . -6.39 -6.69 -14.07
O2B ATP D . -7.48 -5.69 -11.96
O3B ATP D . -4.99 -5.46 -12.42
PA ATP D . -4.92 -8.87 -11.75
O1A ATP D . -3.62 -8.34 -12.25
O2A ATP D . -5.52 -10.07 -12.40
O3A ATP D . -6.02 -7.67 -11.77
O5' ATP D . -4.83 -9.17 -10.18
C5' ATP D . -4.62 -8.10 -9.21
C4' ATP D . -4.24 -8.72 -7.88
O4' ATP D . -5.34 -9.51 -7.36
C3' ATP D . -3.06 -9.69 -7.91
O3' ATP D . -1.81 -9.02 -7.84
C2' ATP D . -3.32 -10.55 -6.67
O2' ATP D . -2.90 -9.94 -5.46
C1' ATP D . -4.83 -10.68 -6.73
N9 ATP D . -5.33 -11.86 -7.47
C8 ATP D . -5.59 -11.95 -8.81
N7 ATP D . -6.04 -13.13 -9.16
C5 ATP D . -6.12 -13.86 -7.99
C6 ATP D . -6.54 -15.17 -7.69
N6 ATP D . -7.04 -16.01 -8.60
N1 ATP D . -6.50 -15.56 -6.40
C2 ATP D . -6.02 -14.70 -5.49
N3 ATP D . -5.59 -13.44 -5.65
C4 ATP D . -5.68 -13.08 -6.93
S SO4 E . 25.79 -13.92 -8.97
O1 SO4 E . 25.27 -15.23 -8.71
O2 SO4 E . 27.03 -13.75 -8.27
O3 SO4 E . 26.00 -13.77 -10.39
O4 SO4 E . 24.85 -12.92 -8.52
S SO4 F . 18.16 -0.14 -3.53
O1 SO4 F . 18.26 -1.58 -3.47
O2 SO4 F . 17.79 0.36 -2.22
O3 SO4 F . 17.15 0.24 -4.48
O4 SO4 F . 19.42 0.42 -3.93
S SO4 G . 23.13 -1.75 -7.78
O1 SO4 G . 23.33 -2.37 -6.49
O2 SO4 G . 23.95 -0.58 -7.88
O3 SO4 G . 23.48 -2.69 -8.81
O4 SO4 G . 21.75 -1.38 -7.91
MN MN H . -2.72 -7.22 -13.65
C2 69I I . -7.33 -2.84 15.07
C3 69I I . -8.57 -1.96 15.26
C4 69I I . -8.16 -0.55 15.64
C5 69I I . -7.26 0.01 14.55
C6 69I I . -6.80 1.42 14.79
C1 69I I . -6.34 -2.17 14.12
O11 69I I . -10.62 0.42 17.91
C01 69I I . -5.00 -2.86 14.10
O12 69I I . -8.44 1.67 17.60
O04 69I I . -2.22 -1.58 11.78
O08 69I I . -9.39 -2.49 16.32
O03 69I I . -1.98 -3.38 13.53
P4 69I I . -9.77 1.26 16.99
O01 69I I . -4.11 -2.05 13.31
O05 69I I . -11.08 -3.85 17.68
O06 69I I . -11.81 -2.57 15.63
O10 69I I . -10.51 2.45 16.39
O02 69I I . -3.50 -3.75 11.56
P1 69I I . -2.88 -2.74 12.50
O09 69I I . -9.33 0.28 15.78
O07 69I I . -10.27 -4.57 15.40
P3 69I I . -10.73 -3.42 16.27
O2 69I I . -7.70 -4.09 14.51
O5 69I I . -6.08 -0.80 14.51
O6 69I I . -6.25 1.57 16.10
PG ATP J . -7.39 4.99 10.88
PG ATP J . -10.57 4.63 7.63
O1G ATP J . -6.27 5.63 11.67
O1G ATP J . -9.36 3.79 7.94
O2G ATP J . -7.99 3.79 11.57
O2G ATP J . -10.60 5.11 6.19
O3G ATP J . -6.98 4.69 9.45
O3G ATP J . -11.86 3.98 8.06
PB ATP J . -9.62 6.45 9.63
PB ATP J . -9.30 6.36 9.57
O1B ATP J . -9.34 5.60 8.42
O1B ATP J . -9.82 6.28 10.98
O2B ATP J . -10.99 6.44 10.22
O2B ATP J . -8.07 5.60 9.20
O3B ATP J . -8.57 6.09 10.79
O3B ATP J . -10.44 5.95 8.54
PA ATP J . -8.03 8.98 9.52
PA ATP J . -7.99 9.01 9.48
O1A ATP J . -6.95 8.29 10.29
O1A ATP J . -8.72 10.20 10.01
O2A ATP J . -8.64 10.21 10.09
O2A ATP J . -6.90 8.40 10.30
O3A ATP J . -9.24 7.95 9.25
O3A ATP J . -9.11 7.89 9.16
O5' ATP J . -7.51 9.29 8.03
O5' ATP J . -7.44 9.32 8.01
C5' ATP J . -6.91 8.25 7.22
C5' ATP J . -6.90 8.26 7.19
C4' ATP J . -6.18 8.88 6.06
C4' ATP J . -6.17 8.89 6.03
O4' ATP J . -7.11 9.71 5.31
O4' ATP J . -7.09 9.71 5.27
C3' ATP J . -5.05 9.84 6.44
C3' ATP J . -5.04 9.85 6.41
O3' ATP J . -3.82 9.15 6.64
O3' ATP J . -3.81 9.15 6.62
C2' ATP J . -4.98 10.74 5.20
C2' ATP J . -4.97 10.75 5.18
O2' ATP J . -4.25 10.13 4.15
O2' ATP J . -4.23 10.15 4.13
C1' ATP J . -6.46 10.87 4.84
C1' ATP J . -6.45 10.89 4.83
N9 ATP J . -7.14 12.03 5.44
N9 ATP J . -7.13 12.03 5.43
C8 ATP J . -7.78 12.09 6.66
C8 ATP J . -7.76 12.09 6.65
N7 ATP J . -8.32 13.27 6.89
N7 ATP J . -8.32 13.26 6.88
C5 ATP J . -8.04 14.01 5.75
C5 ATP J . -8.03 14.01 5.74
C6 ATP J . -8.35 15.34 5.38
C6 ATP J . -8.34 15.33 5.38
N6 ATP J . -9.05 16.18 6.15
N6 ATP J . -9.05 16.16 6.14
N1 ATP J . -7.91 15.75 4.17
N1 ATP J . -7.91 15.76 4.18
C2 ATP J . -7.21 14.91 3.41
C2 ATP J . -7.20 14.92 3.41
N3 ATP J . -6.86 13.65 3.65
N3 ATP J . -6.84 13.65 3.64
C4 ATP J . -7.31 13.25 4.85
C4 ATP J . -7.31 13.25 4.85
S SO4 K . 22.63 13.78 15.43
O1 SO4 K . 21.78 12.63 15.51
O2 SO4 K . 23.93 13.46 16.00
O3 SO4 K . 22.81 14.14 14.04
O4 SO4 K . 22.03 14.88 16.15
S SO4 L . -20.90 18.41 0.15
O1 SO4 L . -21.09 17.63 1.34
O2 SO4 L . -19.69 19.17 0.24
O3 SO4 L . -20.83 17.53 -0.99
O4 SO4 L . -22.02 19.30 -0.02
S SO4 M . 16.59 0.29 8.18
O1 SO4 M . 15.32 -0.28 8.55
O2 SO4 M . 17.63 -0.28 9.00
O3 SO4 M . 16.86 0.01 6.79
O4 SO4 M . 16.56 1.71 8.38
S SO4 N . 18.04 4.08 19.36
O1 SO4 N . 18.27 2.67 19.55
O2 SO4 N . 18.53 4.82 20.51
O3 SO4 N . 16.63 4.32 19.22
O4 SO4 N . 18.73 4.53 18.18
MN MN O . -6.70 7.20 12.09
#